data_5O0P
#
_entry.id   5O0P
#
_cell.length_a   153.208
_cell.length_b   46.891
_cell.length_c   121.795
_cell.angle_alpha   90.00
_cell.angle_beta   123.65
_cell.angle_gamma   90.00
#
_symmetry.space_group_name_H-M   'C 1 2 1'
#
loop_
_entity.id
_entity.type
_entity.pdbx_description
1 polymer 'Reticulon-4 receptor'
2 non-polymer 2-acetamido-2-deoxy-beta-D-glucopyranose
3 non-polymer GLYCEROL
4 non-polymer 'SODIUM ION'
5 water water
#
_entity_poly.entity_id   1
_entity_poly.type   'polypeptide(L)'
_entity_poly.pdbx_seq_one_letter_code
;GSPCPGACVCYNEPKVTTSCPQQGLQAVPTGIPASSQRIFLHGNRISHVPAASFQSCRNLTILWLHSNALARIDAAAFTG
LTLLEQLDLSDNAQLHVVDPTTFHGLGHLHTLHLDRCGLRELGPGLFRGLAALQYLYLQDNNLQALPDNTFRDLGNLTHL
FLHGNRIPSVPEHAFRGLHSLDRLLLHQNHVARVHPHAFRDLGRLMTLYLFANNLSMLPAEVLMPLRSLQYLRLNDNPWV
CDCRARPLWAWLQKFRGSSSEVPCNLPQRLADRDLKRLAASDLEGCAVASGPFRPIQTSQLTDEELLSLPKCCQPDAADK
ASVLEAAAHHHHHH
;
_entity_poly.pdbx_strand_id   A,B
#
loop_
_chem_comp.id
_chem_comp.type
_chem_comp.name
_chem_comp.formula
GOL non-polymer GLYCEROL 'C3 H8 O3'
NA non-polymer 'SODIUM ION' 'Na 1'
NAG D-saccharide, beta linking 2-acetamido-2-deoxy-beta-D-glucopyranose 'C8 H15 N O6'
#
# COMPACT_ATOMS: atom_id res chain seq x y z
N PRO A 3 -38.29 7.16 -32.12
CA PRO A 3 -38.99 5.90 -31.84
C PRO A 3 -38.91 5.51 -30.37
N CYS A 4 -39.96 5.78 -29.61
CA CYS A 4 -39.95 5.56 -28.17
C CYS A 4 -40.02 4.07 -27.83
N PRO A 5 -39.03 3.58 -27.04
CA PRO A 5 -38.90 2.14 -26.82
C PRO A 5 -39.87 1.56 -25.79
N GLY A 6 -40.32 0.32 -26.02
CA GLY A 6 -41.18 -0.36 -25.08
C GLY A 6 -42.46 0.40 -24.77
N ALA A 7 -42.78 0.50 -23.49
CA ALA A 7 -43.92 1.27 -23.04
C ALA A 7 -43.45 2.59 -22.42
N CYS A 8 -42.24 3.01 -22.77
CA CYS A 8 -41.67 4.24 -22.25
C CYS A 8 -42.45 5.45 -22.74
N VAL A 9 -42.39 6.54 -21.97
CA VAL A 9 -42.98 7.80 -22.38
C VAL A 9 -41.84 8.74 -22.76
N CYS A 10 -41.92 9.27 -23.98
CA CYS A 10 -40.88 10.17 -24.48
C CYS A 10 -41.46 11.54 -24.81
N TYR A 11 -40.86 12.59 -24.28
CA TYR A 11 -41.30 13.93 -24.60
C TYR A 11 -40.11 14.90 -24.63
N ASN A 12 -40.32 16.09 -25.19
CA ASN A 12 -39.21 17.02 -25.41
C ASN A 12 -39.14 18.19 -24.43
N GLU A 13 -40.25 18.53 -23.77
CA GLU A 13 -40.28 19.73 -22.94
C GLU A 13 -40.55 19.44 -21.46
N PRO A 14 -39.81 20.08 -20.55
CA PRO A 14 -38.79 21.11 -20.78
C PRO A 14 -37.40 20.55 -21.09
N LYS A 15 -37.20 19.25 -20.89
CA LYS A 15 -35.97 18.57 -21.29
C LYS A 15 -36.33 17.26 -22.01
N VAL A 16 -35.54 16.89 -23.02
CA VAL A 16 -35.78 15.62 -23.73
C VAL A 16 -35.67 14.47 -22.74
N THR A 17 -36.77 13.77 -22.55
CA THR A 17 -36.91 12.80 -21.46
C THR A 17 -37.37 11.43 -21.98
N THR A 18 -36.75 10.37 -21.46
CA THR A 18 -37.26 9.01 -21.64
C THR A 18 -37.61 8.48 -20.26
N SER A 19 -38.89 8.20 -20.05
CA SER A 19 -39.37 7.85 -18.73
C SER A 19 -40.04 6.47 -18.77
N CYS A 20 -39.47 5.53 -18.03
CA CYS A 20 -40.00 4.17 -18.00
C CYS A 20 -40.11 3.59 -16.58
N PRO A 21 -40.72 4.33 -15.64
CA PRO A 21 -40.71 3.81 -14.27
C PRO A 21 -41.76 2.73 -14.00
N GLN A 22 -41.41 1.82 -13.09
CA GLN A 22 -42.34 0.83 -12.55
C GLN A 22 -43.04 0.00 -13.62
N GLN A 23 -42.26 -0.57 -14.53
CA GLN A 23 -42.80 -1.37 -15.62
C GLN A 23 -42.34 -2.82 -15.56
N GLY A 24 -41.69 -3.17 -14.45
CA GLY A 24 -41.20 -4.51 -14.26
C GLY A 24 -40.00 -4.85 -15.12
N LEU A 25 -39.34 -3.82 -15.66
CA LEU A 25 -38.17 -4.01 -16.51
C LEU A 25 -37.05 -4.73 -15.79
N GLN A 26 -36.52 -5.76 -16.41
CA GLN A 26 -35.48 -6.58 -15.81
C GLN A 26 -34.10 -6.20 -16.35
N ALA A 27 -34.09 -5.27 -17.30
CA ALA A 27 -32.83 -4.79 -17.86
C ALA A 27 -33.01 -3.37 -18.38
N VAL A 28 -31.91 -2.66 -18.60
CA VAL A 28 -31.97 -1.37 -19.26
C VAL A 28 -32.48 -1.60 -20.68
N PRO A 29 -33.56 -0.91 -21.04
CA PRO A 29 -34.16 -1.14 -22.36
C PRO A 29 -33.28 -0.66 -23.50
N THR A 30 -33.31 -1.38 -24.62
CA THR A 30 -32.58 -0.97 -25.81
C THR A 30 -33.40 0.09 -26.55
N GLY A 31 -32.72 0.96 -27.29
CA GLY A 31 -33.41 1.95 -28.10
C GLY A 31 -33.80 3.24 -27.37
N ILE A 32 -33.16 3.52 -26.25
CA ILE A 32 -33.37 4.83 -25.60
C ILE A 32 -32.82 5.91 -26.53
N PRO A 33 -33.68 6.86 -26.93
CA PRO A 33 -33.26 7.94 -27.84
C PRO A 33 -31.95 8.59 -27.42
N ALA A 34 -31.00 8.69 -28.35
CA ALA A 34 -29.68 9.27 -28.06
C ALA A 34 -29.74 10.72 -27.60
N SER A 35 -30.82 11.42 -27.95
CA SER A 35 -30.96 12.83 -27.62
C SER A 35 -31.44 13.07 -26.20
N SER A 36 -31.71 11.98 -25.46
CA SER A 36 -32.25 12.05 -24.10
C SER A 36 -31.37 12.88 -23.15
N GLN A 37 -32.02 13.77 -22.40
CA GLN A 37 -31.32 14.57 -21.40
C GLN A 37 -31.63 14.07 -20.00
N ARG A 38 -32.75 13.37 -19.89
CA ARG A 38 -33.22 12.80 -18.63
C ARG A 38 -33.73 11.39 -18.85
N ILE A 39 -33.21 10.44 -18.08
CA ILE A 39 -33.67 9.06 -18.16
C ILE A 39 -34.16 8.59 -16.78
N PHE A 40 -35.41 8.15 -16.75
CA PHE A 40 -36.02 7.71 -15.50
C PHE A 40 -36.32 6.22 -15.59
N LEU A 41 -35.54 5.42 -14.87
CA LEU A 41 -35.73 3.96 -14.94
C LEU A 41 -35.99 3.37 -13.56
N HIS A 42 -36.47 4.21 -12.64
CA HIS A 42 -36.73 3.80 -11.27
C HIS A 42 -37.97 2.91 -11.10
N GLY A 43 -37.98 2.12 -10.04
CA GLY A 43 -39.14 1.29 -9.73
C GLY A 43 -39.26 0.02 -10.57
N ASN A 44 -38.19 -0.35 -11.26
CA ASN A 44 -38.20 -1.58 -12.05
C ASN A 44 -37.47 -2.70 -11.31
N ARG A 45 -37.04 -3.71 -12.06
CA ARG A 45 -36.38 -4.87 -11.47
C ARG A 45 -35.00 -5.07 -12.08
N ILE A 46 -34.36 -3.97 -12.47
CA ILE A 46 -33.08 -4.06 -13.15
C ILE A 46 -32.00 -4.53 -12.19
N SER A 47 -31.32 -5.61 -12.56
CA SER A 47 -30.37 -6.25 -11.65
C SER A 47 -28.92 -5.95 -11.99
N HIS A 48 -28.70 -5.38 -13.18
CA HIS A 48 -27.35 -5.21 -13.68
C HIS A 48 -27.28 -4.02 -14.62
N VAL A 49 -26.22 -3.22 -14.50
CA VAL A 49 -25.96 -2.15 -15.45
C VAL A 49 -24.68 -2.43 -16.22
N PRO A 50 -24.81 -2.88 -17.49
CA PRO A 50 -23.64 -3.21 -18.31
C PRO A 50 -22.78 -2.00 -18.68
N ALA A 51 -21.58 -2.27 -19.17
CA ALA A 51 -20.66 -1.24 -19.65
C ALA A 51 -21.29 -0.35 -20.73
N ALA A 52 -21.09 0.96 -20.59
CA ALA A 52 -21.54 1.93 -21.60
C ALA A 52 -23.03 1.86 -21.91
N SER A 53 -23.85 1.66 -20.89
CA SER A 53 -25.28 1.48 -21.07
C SER A 53 -26.00 2.75 -21.56
N PHE A 54 -25.37 3.91 -21.39
CA PHE A 54 -26.01 5.16 -21.78
C PHE A 54 -25.12 6.03 -22.65
N GLN A 55 -24.07 5.41 -23.20
CA GLN A 55 -23.02 6.15 -23.88
C GLN A 55 -23.49 6.92 -25.11
N SER A 56 -24.55 6.44 -25.75
CA SER A 56 -25.14 7.15 -26.88
C SER A 56 -25.70 8.52 -26.46
N CYS A 57 -26.12 8.61 -25.21
CA CYS A 57 -26.79 9.81 -24.74
C CYS A 57 -25.82 10.87 -24.26
N ARG A 58 -25.16 11.53 -25.21
CA ARG A 58 -24.13 12.54 -24.92
C ARG A 58 -24.62 13.65 -24.00
N ASN A 59 -25.88 14.05 -24.17
CA ASN A 59 -26.39 15.20 -23.44
C ASN A 59 -27.11 14.85 -22.13
N LEU A 60 -27.03 13.59 -21.72
CA LEU A 60 -27.69 13.14 -20.49
C LEU A 60 -27.20 13.95 -19.29
N THR A 61 -28.15 14.51 -18.51
CA THR A 61 -27.80 15.25 -17.30
C THR A 61 -28.43 14.64 -16.05
N ILE A 62 -29.51 13.89 -16.24
CA ILE A 62 -30.22 13.28 -15.12
C ILE A 62 -30.49 11.80 -15.38
N LEU A 63 -30.08 10.95 -14.45
CA LEU A 63 -30.29 9.50 -14.58
C LEU A 63 -30.76 8.91 -13.24
N TRP A 64 -31.97 8.35 -13.23
CA TRP A 64 -32.53 7.72 -12.04
C TRP A 64 -32.67 6.22 -12.18
N LEU A 65 -32.05 5.49 -11.26
CA LEU A 65 -32.11 4.02 -11.25
C LEU A 65 -32.50 3.51 -9.88
N HIS A 66 -33.08 4.38 -9.05
CA HIS A 66 -33.45 4.00 -7.69
C HIS A 66 -34.60 2.99 -7.64
N SER A 67 -34.70 2.27 -6.52
CA SER A 67 -35.77 1.30 -6.28
C SER A 67 -35.80 0.22 -7.36
N ASN A 68 -34.63 -0.26 -7.72
CA ASN A 68 -34.52 -1.37 -8.66
C ASN A 68 -34.10 -2.64 -7.93
N ALA A 69 -33.30 -3.47 -8.58
CA ALA A 69 -32.83 -4.70 -7.94
C ALA A 69 -31.34 -4.86 -8.18
N LEU A 70 -30.63 -3.74 -8.25
CA LEU A 70 -29.22 -3.74 -8.66
C LEU A 70 -28.33 -4.58 -7.77
N ALA A 71 -27.62 -5.52 -8.38
CA ALA A 71 -26.68 -6.35 -7.64
C ALA A 71 -25.28 -6.04 -8.11
N ARG A 72 -25.17 -5.49 -9.31
CA ARG A 72 -23.88 -5.23 -9.93
C ARG A 72 -23.93 -4.05 -10.89
N ILE A 73 -22.93 -3.19 -10.81
CA ILE A 73 -22.77 -2.09 -11.75
C ILE A 73 -21.38 -2.23 -12.36
N ASP A 74 -21.32 -2.35 -13.69
CA ASP A 74 -20.04 -2.49 -14.37
C ASP A 74 -19.21 -1.22 -14.18
N ALA A 75 -17.90 -1.38 -14.04
CA ALA A 75 -17.01 -0.25 -13.78
C ALA A 75 -17.14 0.85 -14.84
N ALA A 76 -17.53 0.45 -16.04
CA ALA A 76 -17.63 1.35 -17.17
C ALA A 76 -19.09 1.64 -17.53
N ALA A 77 -19.97 1.53 -16.55
CA ALA A 77 -21.40 1.67 -16.80
C ALA A 77 -21.77 3.10 -17.22
N PHE A 78 -21.08 4.08 -16.64
CA PHE A 78 -21.44 5.47 -16.89
C PHE A 78 -20.41 6.19 -17.75
N THR A 79 -19.67 5.42 -18.54
CA THR A 79 -18.64 6.00 -19.40
C THR A 79 -19.25 6.89 -20.49
N GLY A 80 -18.62 8.04 -20.73
CA GLY A 80 -19.08 8.97 -21.74
C GLY A 80 -20.17 9.92 -21.29
N LEU A 81 -20.50 9.90 -20.00
CA LEU A 81 -21.55 10.76 -19.47
C LEU A 81 -20.93 11.98 -18.79
N THR A 82 -20.23 12.78 -19.58
CA THR A 82 -19.43 13.88 -19.05
C THR A 82 -20.28 15.05 -18.56
N LEU A 83 -21.55 15.07 -18.96
CA LEU A 83 -22.43 16.16 -18.59
C LEU A 83 -23.41 15.78 -17.50
N LEU A 84 -23.30 14.55 -17.00
CA LEU A 84 -24.20 14.04 -15.96
C LEU A 84 -24.14 14.92 -14.71
N GLU A 85 -25.29 15.40 -14.26
CA GLU A 85 -25.35 16.28 -13.09
C GLU A 85 -26.01 15.58 -11.90
N GLN A 86 -26.91 14.65 -12.18
CA GLN A 86 -27.61 13.95 -11.12
C GLN A 86 -27.65 12.44 -11.35
N LEU A 87 -27.24 11.67 -10.35
CA LEU A 87 -27.23 10.20 -10.46
C LEU A 87 -27.84 9.57 -9.21
N ASP A 88 -28.87 8.76 -9.41
CA ASP A 88 -29.62 8.19 -8.30
C ASP A 88 -29.59 6.68 -8.36
N LEU A 89 -28.87 6.07 -7.43
CA LEU A 89 -28.74 4.62 -7.37
C LEU A 89 -29.38 4.09 -6.09
N SER A 90 -30.09 4.97 -5.38
CA SER A 90 -30.60 4.65 -4.03
C SER A 90 -31.66 3.54 -4.01
N ASP A 91 -31.92 3.02 -2.81
CA ASP A 91 -32.93 1.99 -2.60
C ASP A 91 -32.68 0.76 -3.46
N ASN A 92 -31.41 0.35 -3.53
CA ASN A 92 -31.01 -0.94 -4.08
C ASN A 92 -30.23 -1.69 -3.03
N ALA A 93 -30.94 -2.25 -2.06
CA ALA A 93 -30.33 -2.70 -0.81
C ALA A 93 -29.32 -3.85 -0.98
N GLN A 94 -29.33 -4.50 -2.14
CA GLN A 94 -28.43 -5.62 -2.36
C GLN A 94 -27.26 -5.26 -3.27
N LEU A 95 -27.04 -3.97 -3.52
CA LEU A 95 -25.91 -3.55 -4.34
C LEU A 95 -24.59 -3.88 -3.65
N HIS A 96 -24.53 -3.63 -2.34
CA HIS A 96 -23.41 -3.99 -1.47
C HIS A 96 -22.04 -3.35 -1.79
N VAL A 97 -21.70 -3.25 -3.07
CA VAL A 97 -20.35 -2.84 -3.47
C VAL A 97 -20.37 -2.06 -4.78
N VAL A 98 -19.65 -0.93 -4.81
CA VAL A 98 -19.47 -0.17 -6.05
C VAL A 98 -17.98 -0.18 -6.39
N ASP A 99 -17.64 -0.57 -7.63
CA ASP A 99 -16.24 -0.57 -8.08
C ASP A 99 -15.67 0.84 -8.01
N PRO A 100 -14.46 0.98 -7.45
CA PRO A 100 -13.86 2.29 -7.15
C PRO A 100 -13.67 3.23 -8.35
N THR A 101 -13.72 2.72 -9.57
CA THR A 101 -13.52 3.57 -10.75
C THR A 101 -14.84 3.95 -11.43
N THR A 102 -15.96 3.53 -10.84
CA THR A 102 -17.27 3.64 -11.48
C THR A 102 -17.67 5.09 -11.79
N PHE A 103 -17.23 6.02 -10.94
CA PHE A 103 -17.62 7.43 -11.08
C PHE A 103 -16.58 8.30 -11.79
N HIS A 104 -15.54 7.68 -12.34
N HIS A 104 -15.55 7.66 -12.35
CA HIS A 104 -14.47 8.46 -12.98
CA HIS A 104 -14.52 8.36 -13.09
C HIS A 104 -14.96 9.15 -14.25
C HIS A 104 -15.13 9.21 -14.21
N GLY A 105 -14.63 10.43 -14.37
CA GLY A 105 -15.05 11.24 -15.51
C GLY A 105 -16.39 11.94 -15.37
N LEU A 106 -17.05 11.76 -14.23
CA LEU A 106 -18.30 12.47 -13.98
C LEU A 106 -18.03 13.84 -13.35
N GLY A 107 -17.33 14.71 -14.09
CA GLY A 107 -16.87 15.97 -13.52
C GLY A 107 -17.91 17.09 -13.44
N HIS A 108 -19.13 16.79 -13.87
CA HIS A 108 -20.24 17.72 -13.80
C HIS A 108 -21.29 17.27 -12.78
N LEU A 109 -21.02 16.16 -12.11
CA LEU A 109 -21.98 15.58 -11.16
C LEU A 109 -22.18 16.52 -9.96
N HIS A 110 -23.44 16.82 -9.64
CA HIS A 110 -23.76 17.73 -8.52
C HIS A 110 -24.38 16.96 -7.35
N THR A 111 -25.16 15.92 -7.65
CA THR A 111 -25.77 15.12 -6.59
C THR A 111 -25.60 13.65 -6.89
N LEU A 112 -25.28 12.89 -5.86
CA LEU A 112 -25.09 11.45 -5.98
C LEU A 112 -25.87 10.76 -4.86
N HIS A 113 -26.89 9.99 -5.24
CA HIS A 113 -27.73 9.30 -4.26
C HIS A 113 -27.31 7.84 -4.13
N LEU A 114 -26.74 7.51 -2.99
CA LEU A 114 -26.32 6.14 -2.72
C LEU A 114 -26.90 5.64 -1.39
N ASP A 115 -28.02 6.22 -0.97
CA ASP A 115 -28.63 5.82 0.28
C ASP A 115 -29.40 4.51 0.14
N ARG A 116 -29.33 3.68 1.18
CA ARG A 116 -29.96 2.36 1.21
C ARG A 116 -29.52 1.48 0.03
N CYS A 117 -28.20 1.35 -0.13
CA CYS A 117 -27.63 0.51 -1.18
C CYS A 117 -26.89 -0.68 -0.58
N GLY A 118 -27.01 -0.85 0.73
CA GLY A 118 -26.32 -1.91 1.45
C GLY A 118 -24.81 -1.83 1.34
N LEU A 119 -24.26 -0.63 1.13
CA LEU A 119 -22.84 -0.50 0.84
C LEU A 119 -21.97 -0.92 2.03
N ARG A 120 -21.02 -1.81 1.78
CA ARG A 120 -20.18 -2.35 2.85
C ARG A 120 -18.92 -1.53 3.08
N GLU A 121 -18.46 -0.82 2.05
CA GLU A 121 -17.24 -0.03 2.16
C GLU A 121 -17.12 1.04 1.09
N LEU A 122 -16.26 2.02 1.34
CA LEU A 122 -15.92 3.04 0.36
C LEU A 122 -14.50 2.80 -0.16
N GLY A 123 -14.40 2.18 -1.34
CA GLY A 123 -13.11 1.82 -1.90
C GLY A 123 -12.21 3.01 -2.21
N PRO A 124 -10.89 2.78 -2.25
CA PRO A 124 -9.88 3.79 -2.57
C PRO A 124 -10.13 4.50 -3.90
N GLY A 125 -10.32 5.81 -3.87
CA GLY A 125 -10.52 6.58 -5.09
C GLY A 125 -11.95 6.58 -5.60
N LEU A 126 -12.86 6.02 -4.80
CA LEU A 126 -14.27 5.93 -5.22
C LEU A 126 -14.87 7.31 -5.55
N PHE A 127 -14.48 8.34 -4.82
CA PHE A 127 -15.02 9.68 -5.09
C PHE A 127 -13.99 10.62 -5.71
N ARG A 128 -12.99 10.04 -6.35
CA ARG A 128 -11.90 10.81 -6.94
C ARG A 128 -12.37 11.67 -8.12
N GLY A 129 -12.00 12.94 -8.11
CA GLY A 129 -12.21 13.82 -9.24
C GLY A 129 -13.61 14.38 -9.36
N LEU A 130 -14.47 14.12 -8.39
CA LEU A 130 -15.84 14.63 -8.41
C LEU A 130 -15.87 16.06 -7.90
N ALA A 131 -15.23 16.96 -8.65
CA ALA A 131 -14.93 18.29 -8.15
C ALA A 131 -16.16 19.19 -8.09
N ALA A 132 -17.25 18.80 -8.74
CA ALA A 132 -18.45 19.65 -8.76
C ALA A 132 -19.52 19.16 -7.79
N LEU A 133 -19.26 18.03 -7.15
CA LEU A 133 -20.27 17.41 -6.30
C LEU A 133 -20.66 18.30 -5.10
N GLN A 134 -21.97 18.44 -4.88
CA GLN A 134 -22.48 19.30 -3.82
C GLN A 134 -23.21 18.49 -2.77
N TYR A 135 -23.87 17.42 -3.20
CA TYR A 135 -24.67 16.59 -2.30
C TYR A 135 -24.31 15.12 -2.46
N LEU A 136 -23.90 14.49 -1.36
CA LEU A 136 -23.62 13.06 -1.39
C LEU A 136 -24.40 12.33 -0.29
N TYR A 137 -25.30 11.43 -0.71
CA TYR A 137 -26.15 10.69 0.23
C TYR A 137 -25.63 9.26 0.41
N LEU A 138 -25.15 8.97 1.61
CA LEU A 138 -24.62 7.65 1.94
C LEU A 138 -25.30 7.03 3.16
N GLN A 139 -26.47 7.54 3.54
CA GLN A 139 -27.11 7.08 4.76
C GLN A 139 -27.80 5.74 4.59
N ASP A 140 -28.01 5.06 5.73
CA ASP A 140 -28.76 3.81 5.76
C ASP A 140 -28.06 2.76 4.88
N ASN A 141 -26.74 2.62 5.06
CA ASN A 141 -25.99 1.57 4.39
C ASN A 141 -25.38 0.62 5.42
N ASN A 142 -24.24 0.03 5.10
CA ASN A 142 -23.59 -0.92 5.99
C ASN A 142 -22.12 -0.56 6.25
N LEU A 143 -21.79 0.72 6.18
CA LEU A 143 -20.39 1.18 6.27
C LEU A 143 -19.78 0.91 7.64
N GLN A 144 -18.57 0.38 7.66
CA GLN A 144 -17.90 -0.01 8.89
C GLN A 144 -16.62 0.78 9.15
N ALA A 145 -16.39 1.80 8.33
CA ALA A 145 -15.11 2.51 8.37
C ALA A 145 -15.17 3.78 7.55
N LEU A 146 -14.35 4.76 7.94
CA LEU A 146 -14.28 6.01 7.22
C LEU A 146 -12.82 6.32 6.91
N PRO A 147 -12.27 5.71 5.85
CA PRO A 147 -10.84 5.81 5.52
C PRO A 147 -10.38 7.24 5.28
N ASP A 148 -9.12 7.51 5.60
CA ASP A 148 -8.53 8.83 5.36
C ASP A 148 -8.60 9.21 3.89
N ASN A 149 -8.95 10.47 3.63
CA ASN A 149 -8.88 11.07 2.30
C ASN A 149 -9.95 10.57 1.34
N THR A 150 -11.00 9.96 1.90
CA THR A 150 -12.12 9.43 1.12
C THR A 150 -12.84 10.53 0.35
N PHE A 151 -12.88 11.74 0.91
CA PHE A 151 -13.63 12.84 0.32
C PHE A 151 -12.72 13.97 -0.12
N ARG A 152 -11.44 13.65 -0.32
CA ARG A 152 -10.38 14.63 -0.53
C ARG A 152 -10.59 15.59 -1.71
N ASP A 153 -11.24 15.11 -2.77
CA ASP A 153 -11.41 15.93 -3.96
C ASP A 153 -12.74 16.69 -3.99
N LEU A 154 -13.56 16.51 -2.96
CA LEU A 154 -14.90 17.10 -2.97
C LEU A 154 -14.91 18.52 -2.36
N GLY A 155 -14.18 19.44 -2.98
CA GLY A 155 -14.01 20.79 -2.46
C GLY A 155 -15.28 21.62 -2.49
N ASN A 156 -16.27 21.15 -3.25
CA ASN A 156 -17.53 21.87 -3.41
C ASN A 156 -18.72 21.23 -2.69
N LEU A 157 -18.46 20.14 -1.96
CA LEU A 157 -19.53 19.43 -1.27
C LEU A 157 -20.08 20.24 -0.11
N THR A 158 -21.41 20.34 -0.01
CA THR A 158 -22.04 21.14 1.04
C THR A 158 -22.81 20.25 2.00
N HIS A 159 -23.28 19.09 1.52
CA HIS A 159 -24.05 18.16 2.35
C HIS A 159 -23.50 16.75 2.27
N LEU A 160 -23.13 16.20 3.42
CA LEU A 160 -22.65 14.83 3.48
C LEU A 160 -23.47 14.03 4.49
N PHE A 161 -24.22 13.04 4.00
CA PHE A 161 -25.10 12.26 4.87
C PHE A 161 -24.54 10.86 5.11
N LEU A 162 -24.14 10.59 6.35
CA LEU A 162 -23.52 9.31 6.70
C LEU A 162 -24.25 8.58 7.83
N HIS A 163 -25.44 9.05 8.18
CA HIS A 163 -26.16 8.48 9.31
C HIS A 163 -26.75 7.11 9.01
N GLY A 164 -27.02 6.34 10.06
CA GLY A 164 -27.56 5.00 9.92
C GLY A 164 -26.57 4.03 9.31
N ASN A 165 -25.31 4.12 9.74
CA ASN A 165 -24.30 3.12 9.34
C ASN A 165 -23.72 2.47 10.60
N ARG A 166 -22.52 1.91 10.48
CA ARG A 166 -21.89 1.26 11.62
C ARG A 166 -20.45 1.73 11.81
N ILE A 167 -20.24 3.02 11.59
CA ILE A 167 -18.92 3.63 11.68
C ILE A 167 -18.45 3.69 13.14
N PRO A 168 -17.29 3.09 13.43
CA PRO A 168 -16.81 2.97 14.81
C PRO A 168 -15.99 4.16 15.29
N SER A 169 -15.48 4.99 14.37
CA SER A 169 -14.60 6.08 14.76
C SER A 169 -14.33 7.02 13.60
N VAL A 170 -13.82 8.20 13.92
CA VAL A 170 -13.44 9.17 12.91
C VAL A 170 -11.95 9.48 13.00
N PRO A 171 -11.19 9.02 12.00
CA PRO A 171 -9.75 9.29 11.97
C PRO A 171 -9.44 10.71 11.51
N GLU A 172 -8.16 11.08 11.57
CA GLU A 172 -7.75 12.47 11.39
C GLU A 172 -8.08 13.07 10.03
N HIS A 173 -7.84 12.32 8.97
CA HIS A 173 -8.00 12.84 7.61
C HIS A 173 -9.24 12.31 6.91
N ALA A 174 -10.20 11.80 7.67
CA ALA A 174 -11.43 11.29 7.09
C ALA A 174 -12.18 12.37 6.31
N PHE A 175 -12.19 13.58 6.86
CA PHE A 175 -12.95 14.67 6.25
C PHE A 175 -12.04 15.77 5.67
N ARG A 176 -10.81 15.40 5.31
CA ARG A 176 -9.91 16.34 4.65
C ARG A 176 -10.42 16.74 3.27
N GLY A 177 -10.28 18.02 2.94
CA GLY A 177 -10.65 18.51 1.62
C GLY A 177 -12.06 19.08 1.52
N LEU A 178 -12.85 18.91 2.58
CA LEU A 178 -14.25 19.33 2.58
C LEU A 178 -14.44 20.79 3.02
N HIS A 179 -13.81 21.72 2.32
CA HIS A 179 -13.78 23.12 2.73
C HIS A 179 -15.13 23.84 2.63
N SER A 180 -16.03 23.30 1.83
CA SER A 180 -17.34 23.93 1.62
C SER A 180 -18.44 23.24 2.41
N LEU A 181 -18.11 22.20 3.16
CA LEU A 181 -19.15 21.41 3.81
C LEU A 181 -19.97 22.28 4.76
N ASP A 182 -21.29 22.16 4.64
CA ASP A 182 -22.23 22.96 5.39
C ASP A 182 -22.90 22.10 6.45
N ARG A 183 -23.24 20.86 6.06
CA ARG A 183 -23.96 19.95 6.93
C ARG A 183 -23.32 18.55 6.91
N LEU A 184 -23.03 18.03 8.09
CA LEU A 184 -22.41 16.72 8.23
C LEU A 184 -23.23 15.89 9.20
N LEU A 185 -23.87 14.84 8.70
CA LEU A 185 -24.73 14.02 9.55
C LEU A 185 -24.10 12.65 9.79
N LEU A 186 -23.72 12.44 11.05
CA LEU A 186 -23.03 11.23 11.47
C LEU A 186 -23.78 10.48 12.56
N HIS A 187 -25.05 10.83 12.78
CA HIS A 187 -25.82 10.21 13.86
C HIS A 187 -26.18 8.76 13.55
N GLN A 188 -26.58 8.02 14.59
CA GLN A 188 -26.97 6.62 14.45
C GLN A 188 -25.84 5.82 13.80
N ASN A 189 -24.69 5.85 14.44
CA ASN A 189 -23.56 5.02 14.04
C ASN A 189 -23.02 4.34 15.29
N HIS A 190 -21.74 4.00 15.29
CA HIS A 190 -21.11 3.38 16.45
C HIS A 190 -19.91 4.17 16.90
N VAL A 191 -19.85 5.45 16.51
CA VAL A 191 -18.67 6.28 16.76
C VAL A 191 -18.32 6.33 18.25
N ALA A 192 -17.17 5.75 18.58
CA ALA A 192 -16.69 5.65 19.95
C ALA A 192 -15.58 6.67 20.23
N ARG A 193 -15.04 7.28 19.18
CA ARG A 193 -13.98 8.27 19.33
C ARG A 193 -13.77 9.07 18.05
N VAL A 194 -13.46 10.35 18.25
CA VAL A 194 -13.16 11.26 17.15
C VAL A 194 -11.74 11.77 17.35
N HIS A 195 -10.91 11.67 16.31
CA HIS A 195 -9.56 12.18 16.39
C HIS A 195 -9.57 13.69 16.66
N PRO A 196 -8.69 14.16 17.56
CA PRO A 196 -8.64 15.58 17.96
C PRO A 196 -8.65 16.57 16.79
N HIS A 197 -8.09 16.19 15.65
CA HIS A 197 -7.98 17.11 14.52
C HIS A 197 -8.81 16.66 13.33
N ALA A 198 -9.85 15.88 13.57
CA ALA A 198 -10.66 15.30 12.50
C ALA A 198 -11.40 16.36 11.68
N PHE A 199 -11.81 17.45 12.33
CA PHE A 199 -12.67 18.44 11.68
C PHE A 199 -11.90 19.70 11.24
N ARG A 200 -10.59 19.57 11.09
CA ARG A 200 -9.71 20.68 10.74
C ARG A 200 -10.14 21.51 9.51
N ASP A 201 -10.72 20.85 8.52
CA ASP A 201 -11.09 21.54 7.28
C ASP A 201 -12.52 22.05 7.27
N LEU A 202 -13.28 21.81 8.34
CA LEU A 202 -14.71 22.11 8.34
C LEU A 202 -15.03 23.48 8.96
N GLY A 203 -14.26 24.49 8.58
CA GLY A 203 -14.43 25.83 9.13
C GLY A 203 -15.72 26.50 8.72
N ARG A 204 -16.37 25.98 7.68
CA ARG A 204 -17.63 26.54 7.21
C ARG A 204 -18.85 25.72 7.63
N LEU A 205 -18.61 24.62 8.34
CA LEU A 205 -19.69 23.72 8.76
C LEU A 205 -20.72 24.42 9.66
N MET A 206 -22.01 24.26 9.36
CA MET A 206 -23.03 24.93 10.17
C MET A 206 -23.82 23.97 11.04
N THR A 207 -23.93 22.72 10.59
CA THR A 207 -24.70 21.70 11.29
C THR A 207 -23.87 20.42 11.46
N LEU A 208 -23.81 19.92 12.69
CA LEU A 208 -23.12 18.68 13.00
C LEU A 208 -23.98 17.79 13.90
N TYR A 209 -24.38 16.63 13.38
CA TYR A 209 -25.15 15.68 14.17
C TYR A 209 -24.31 14.48 14.55
N LEU A 210 -24.16 14.25 15.84
CA LEU A 210 -23.43 13.11 16.33
C LEU A 210 -24.23 12.28 17.33
N PHE A 211 -25.55 12.47 17.36
CA PHE A 211 -26.36 11.78 18.36
C PHE A 211 -26.52 10.30 18.01
N ALA A 212 -26.92 9.52 19.02
CA ALA A 212 -27.09 8.08 18.88
C ALA A 212 -25.78 7.46 18.40
N ASN A 213 -24.73 7.58 19.22
CA ASN A 213 -23.45 6.98 18.94
C ASN A 213 -22.89 6.37 20.22
N ASN A 214 -21.58 6.14 20.27
CA ASN A 214 -20.99 5.49 21.44
C ASN A 214 -19.94 6.35 22.14
N LEU A 215 -20.11 7.67 22.09
CA LEU A 215 -19.13 8.59 22.69
C LEU A 215 -19.26 8.73 24.20
N SER A 216 -18.16 8.48 24.92
CA SER A 216 -18.15 8.69 26.36
C SER A 216 -17.43 10.00 26.71
N MET A 217 -16.61 10.49 25.79
CA MET A 217 -15.97 11.80 25.96
C MET A 217 -15.54 12.37 24.63
N LEU A 218 -15.31 13.68 24.59
CA LEU A 218 -14.87 14.35 23.39
C LEU A 218 -13.78 15.35 23.78
N PRO A 219 -12.60 15.25 23.14
CA PRO A 219 -11.58 16.27 23.41
C PRO A 219 -12.04 17.60 22.85
N ALA A 220 -11.76 18.70 23.54
CA ALA A 220 -12.28 19.99 23.11
C ALA A 220 -11.73 20.38 21.74
N GLU A 221 -10.55 19.86 21.42
CA GLU A 221 -9.89 20.16 20.14
C GLU A 221 -10.72 19.69 18.95
N VAL A 222 -11.57 18.70 19.16
CA VAL A 222 -12.44 18.21 18.09
C VAL A 222 -13.32 19.33 17.55
N LEU A 223 -13.85 20.16 18.45
CA LEU A 223 -14.84 21.15 18.05
C LEU A 223 -14.27 22.56 17.78
N MET A 224 -13.03 22.82 18.20
CA MET A 224 -12.39 24.14 17.99
C MET A 224 -12.40 24.66 16.54
N PRO A 225 -12.09 23.80 15.54
CA PRO A 225 -12.10 24.33 14.17
C PRO A 225 -13.48 24.79 13.69
N LEU A 226 -14.54 24.38 14.36
CA LEU A 226 -15.88 24.58 13.80
C LEU A 226 -16.39 26.00 14.03
N ARG A 227 -15.72 26.95 13.37
CA ARG A 227 -15.95 28.38 13.58
C ARG A 227 -17.38 28.82 13.26
N SER A 228 -18.02 28.13 12.33
CA SER A 228 -19.30 28.59 11.81
C SER A 228 -20.48 27.79 12.36
N LEU A 229 -20.20 26.87 13.28
CA LEU A 229 -21.22 25.92 13.72
C LEU A 229 -22.42 26.63 14.36
N GLN A 230 -23.63 26.22 13.97
CA GLN A 230 -24.83 26.82 14.54
C GLN A 230 -25.71 25.78 15.23
N TYR A 231 -25.67 24.55 14.74
CA TYR A 231 -26.51 23.48 15.28
C TYR A 231 -25.66 22.27 15.64
N LEU A 232 -25.78 21.81 16.88
CA LEU A 232 -24.99 20.69 17.35
C LEU A 232 -25.89 19.69 18.07
N ARG A 233 -25.79 18.41 17.69
CA ARG A 233 -26.55 17.39 18.39
C ARG A 233 -25.62 16.31 18.93
N LEU A 234 -25.72 16.07 20.24
CA LEU A 234 -24.82 15.15 20.94
C LEU A 234 -25.59 14.24 21.90
N ASN A 235 -26.92 14.26 21.82
CA ASN A 235 -27.74 13.47 22.74
C ASN A 235 -27.66 11.98 22.42
N ASP A 236 -28.19 11.15 23.31
CA ASP A 236 -28.11 9.69 23.15
C ASP A 236 -26.67 9.21 22.92
N ASN A 237 -25.78 9.63 23.82
CA ASN A 237 -24.42 9.12 23.91
C ASN A 237 -24.10 8.87 25.39
N PRO A 238 -23.26 7.87 25.68
CA PRO A 238 -22.95 7.52 27.07
C PRO A 238 -21.90 8.45 27.70
N TRP A 239 -22.17 9.74 27.70
CA TRP A 239 -21.26 10.73 28.28
C TRP A 239 -20.88 10.45 29.72
N VAL A 240 -19.58 10.53 30.01
CA VAL A 240 -19.10 10.48 31.37
C VAL A 240 -18.87 11.91 31.87
N CYS A 241 -19.70 12.34 32.81
CA CYS A 241 -19.62 13.71 33.32
C CYS A 241 -18.73 13.79 34.55
N ASP A 242 -17.43 13.67 34.33
CA ASP A 242 -16.45 13.84 35.39
C ASP A 242 -15.34 14.75 34.86
N CYS A 243 -14.15 14.64 35.43
CA CYS A 243 -13.05 15.55 35.10
C CYS A 243 -12.72 15.57 33.61
N ARG A 244 -12.95 14.43 32.95
CA ARG A 244 -12.58 14.29 31.55
C ARG A 244 -13.49 15.12 30.65
N ALA A 245 -14.63 15.54 31.18
CA ALA A 245 -15.62 16.26 30.37
C ALA A 245 -15.47 17.78 30.48
N ARG A 246 -14.60 18.23 31.37
CA ARG A 246 -14.39 19.67 31.59
C ARG A 246 -14.09 20.46 30.31
N PRO A 247 -13.17 19.97 29.44
CA PRO A 247 -12.92 20.76 28.23
C PRO A 247 -14.15 20.90 27.33
N LEU A 248 -14.93 19.85 27.18
CA LEU A 248 -16.14 19.92 26.39
C LEU A 248 -17.13 20.88 27.05
N TRP A 249 -17.22 20.78 28.37
CA TRP A 249 -18.08 21.64 29.16
C TRP A 249 -17.74 23.10 28.92
N ALA A 250 -16.46 23.42 28.93
CA ALA A 250 -16.00 24.79 28.79
C ALA A 250 -16.31 25.32 27.39
N TRP A 251 -16.15 24.46 26.40
CA TRP A 251 -16.46 24.84 25.03
C TRP A 251 -17.94 25.14 24.87
N LEU A 252 -18.77 24.29 25.47
CA LEU A 252 -20.22 24.46 25.45
C LEU A 252 -20.68 25.77 26.13
N GLN A 253 -19.96 26.20 27.15
CA GLN A 253 -20.30 27.47 27.81
C GLN A 253 -20.15 28.68 26.89
N LYS A 254 -19.25 28.60 25.91
CA LYS A 254 -19.00 29.74 25.03
C LYS A 254 -19.68 29.60 23.66
N PHE A 255 -20.28 28.45 23.42
CA PHE A 255 -20.95 28.19 22.15
C PHE A 255 -22.19 29.06 21.99
N ARG A 256 -22.25 29.83 20.91
CA ARG A 256 -23.37 30.76 20.71
C ARG A 256 -24.50 30.15 19.86
N GLY A 257 -24.34 28.90 19.47
CA GLY A 257 -25.31 28.27 18.60
C GLY A 257 -26.41 27.56 19.36
N SER A 258 -27.01 26.55 18.74
CA SER A 258 -28.02 25.74 19.39
C SER A 258 -27.47 24.33 19.57
N SER A 259 -27.57 23.80 20.77
CA SER A 259 -27.11 22.46 21.01
C SER A 259 -28.18 21.64 21.71
N SER A 260 -28.18 20.34 21.45
CA SER A 260 -29.06 19.43 22.13
C SER A 260 -28.60 19.23 23.57
N GLU A 261 -29.39 18.51 24.34
CA GLU A 261 -28.94 17.99 25.61
C GLU A 261 -27.67 17.17 25.40
N VAL A 262 -26.80 17.20 26.40
CA VAL A 262 -25.62 16.34 26.44
C VAL A 262 -25.74 15.53 27.73
N PRO A 263 -26.58 14.49 27.70
CA PRO A 263 -27.01 13.81 28.93
C PRO A 263 -25.91 12.95 29.55
N CYS A 264 -25.63 13.18 30.84
CA CYS A 264 -24.69 12.35 31.57
C CYS A 264 -25.22 10.92 31.77
N ASN A 265 -24.39 9.95 31.42
CA ASN A 265 -24.67 8.55 31.71
C ASN A 265 -24.08 8.16 33.05
N LEU A 266 -22.91 8.70 33.35
CA LEU A 266 -22.23 8.47 34.61
C LEU A 266 -21.62 9.78 35.11
N PRO A 267 -21.49 9.95 36.44
CA PRO A 267 -21.90 9.04 37.50
C PRO A 267 -23.41 9.06 37.77
N GLN A 268 -23.87 8.14 38.61
CA GLN A 268 -25.29 7.94 38.89
C GLN A 268 -26.01 9.19 39.39
N ARG A 269 -25.34 9.97 40.24
CA ARG A 269 -25.97 11.14 40.82
C ARG A 269 -26.25 12.20 39.76
N LEU A 270 -25.55 12.13 38.64
CA LEU A 270 -25.73 13.09 37.56
C LEU A 270 -26.54 12.54 36.39
N ALA A 271 -27.15 11.37 36.57
CA ALA A 271 -27.81 10.67 35.46
C ALA A 271 -28.85 11.55 34.77
N ASP A 272 -28.72 11.66 33.46
CA ASP A 272 -29.67 12.37 32.60
C ASP A 272 -29.71 13.87 32.84
N ARG A 273 -28.85 14.37 33.72
CA ARG A 273 -28.65 15.81 33.80
C ARG A 273 -27.85 16.19 32.57
N ASP A 274 -27.97 17.45 32.17
CA ASP A 274 -27.34 17.93 30.97
C ASP A 274 -25.96 18.49 31.32
N LEU A 275 -24.92 17.92 30.73
CA LEU A 275 -23.55 18.39 30.98
C LEU A 275 -23.43 19.90 30.79
N LYS A 276 -24.05 20.38 29.71
CA LYS A 276 -24.20 21.80 29.40
C LYS A 276 -24.60 22.68 30.59
N ARG A 277 -25.43 22.11 31.46
CA ARG A 277 -26.13 22.86 32.51
C ARG A 277 -25.55 22.62 33.90
N LEU A 278 -24.45 21.88 33.97
CA LEU A 278 -23.81 21.59 35.24
C LEU A 278 -22.89 22.73 35.67
N ALA A 279 -22.60 22.81 36.96
CA ALA A 279 -21.58 23.72 37.45
C ALA A 279 -20.21 23.03 37.34
N ALA A 280 -19.15 23.84 37.30
CA ALA A 280 -17.80 23.29 37.17
C ALA A 280 -17.46 22.34 38.31
N SER A 281 -17.99 22.65 39.50
CA SER A 281 -17.75 21.86 40.70
C SER A 281 -18.31 20.44 40.60
N ASP A 282 -19.36 20.27 39.80
CA ASP A 282 -19.95 18.95 39.58
C ASP A 282 -19.00 18.02 38.82
N LEU A 283 -18.04 18.60 38.10
CA LEU A 283 -17.15 17.84 37.24
C LEU A 283 -15.80 17.52 37.88
N GLU A 284 -15.76 17.44 39.19
CA GLU A 284 -14.51 17.12 39.88
C GLU A 284 -14.39 15.63 40.14
N GLY A 285 -13.16 15.12 40.07
CA GLY A 285 -12.90 13.73 40.41
C GLY A 285 -13.11 12.78 39.25
N CYS A 286 -12.87 11.49 39.48
CA CYS A 286 -13.01 10.47 38.46
C CYS A 286 -14.19 9.56 38.78
N ALA A 287 -14.94 9.19 37.74
CA ALA A 287 -16.14 8.38 37.91
C ALA A 287 -15.85 6.90 37.66
N VAL A 288 -16.83 6.05 37.99
CA VAL A 288 -16.69 4.61 37.81
C VAL A 288 -18.05 3.94 37.62
N LEU A 309 -7.97 4.15 32.30
CA LEU A 309 -8.29 5.54 32.59
C LEU A 309 -7.38 6.46 31.78
N PRO A 310 -7.89 7.66 31.43
CA PRO A 310 -7.05 8.62 30.69
C PRO A 310 -6.81 9.95 31.42
N LYS A 311 -5.72 10.61 31.05
CA LYS A 311 -5.49 12.03 31.35
C LYS A 311 -5.65 12.43 32.81
N CYS A 312 -6.66 13.24 33.09
CA CYS A 312 -6.87 13.81 34.42
C CYS A 312 -7.12 12.73 35.47
N CYS A 313 -7.56 11.55 35.04
CA CYS A 313 -7.78 10.43 35.95
C CYS A 313 -6.45 9.77 36.33
N SER B 2 44.24 -1.18 -33.66
CA SER B 2 43.40 -1.90 -34.61
C SER B 2 43.81 -3.37 -34.88
N PRO B 3 45.13 -3.70 -34.84
CA PRO B 3 45.41 -5.12 -35.03
C PRO B 3 45.03 -5.98 -33.83
N CYS B 4 44.45 -7.15 -34.09
CA CYS B 4 44.02 -8.06 -33.04
C CYS B 4 45.23 -8.73 -32.39
N PRO B 5 45.25 -8.79 -31.05
CA PRO B 5 46.40 -9.35 -30.34
C PRO B 5 46.30 -10.86 -30.11
N GLY B 6 47.42 -11.54 -30.28
CA GLY B 6 47.52 -12.95 -29.95
C GLY B 6 46.51 -13.83 -30.62
N ALA B 7 45.85 -14.67 -29.83
CA ALA B 7 44.87 -15.62 -30.35
C ALA B 7 43.45 -15.06 -30.23
N CYS B 8 43.34 -13.80 -29.80
CA CYS B 8 42.05 -13.15 -29.69
C CYS B 8 41.34 -13.06 -31.03
N VAL B 9 40.02 -13.09 -31.00
CA VAL B 9 39.22 -12.90 -32.20
C VAL B 9 38.56 -11.52 -32.13
N CYS B 10 38.68 -10.77 -33.22
CA CYS B 10 38.09 -9.44 -33.27
C CYS B 10 37.12 -9.32 -34.43
N TYR B 11 35.91 -8.86 -34.13
CA TYR B 11 34.91 -8.63 -35.17
C TYR B 11 34.05 -7.41 -34.84
N ASN B 12 33.36 -6.87 -35.85
CA ASN B 12 32.63 -5.61 -35.69
C ASN B 12 31.11 -5.73 -35.57
N GLU B 13 30.55 -6.90 -35.88
CA GLU B 13 29.11 -7.06 -35.85
C GLU B 13 28.67 -8.13 -34.87
N PRO B 14 27.63 -7.85 -34.06
CA PRO B 14 26.80 -6.65 -34.05
C PRO B 14 27.38 -5.49 -33.22
N LYS B 15 28.31 -5.81 -32.33
CA LYS B 15 29.08 -4.79 -31.60
C LYS B 15 30.56 -5.06 -31.82
N VAL B 16 31.38 -4.01 -31.90
CA VAL B 16 32.83 -4.20 -31.96
C VAL B 16 33.28 -5.02 -30.76
N THR B 17 33.88 -6.18 -31.04
CA THR B 17 34.14 -7.18 -30.02
C THR B 17 35.57 -7.72 -30.08
N THR B 18 36.19 -7.82 -28.91
CA THR B 18 37.44 -8.55 -28.76
C THR B 18 37.22 -9.73 -27.84
N SER B 19 37.47 -10.94 -28.35
CA SER B 19 37.15 -12.16 -27.62
C SER B 19 38.37 -13.08 -27.50
N CYS B 20 38.82 -13.34 -26.27
CA CYS B 20 39.94 -14.26 -26.05
C CYS B 20 39.72 -15.29 -24.94
N PRO B 21 38.60 -16.03 -24.97
CA PRO B 21 38.35 -16.95 -23.86
C PRO B 21 39.19 -18.23 -23.96
N GLN B 22 39.43 -18.87 -22.81
CA GLN B 22 40.22 -20.11 -22.71
C GLN B 22 41.47 -20.13 -23.58
N GLN B 23 42.38 -19.18 -23.33
CA GLN B 23 43.64 -19.14 -24.07
C GLN B 23 44.83 -19.17 -23.14
N GLY B 24 44.58 -19.53 -21.88
CA GLY B 24 45.64 -19.65 -20.90
C GLY B 24 46.32 -18.34 -20.54
N LEU B 25 45.64 -17.22 -20.77
CA LEU B 25 46.24 -15.92 -20.51
C LEU B 25 46.50 -15.73 -19.03
N GLN B 26 47.71 -15.28 -18.71
CA GLN B 26 48.11 -15.01 -17.33
C GLN B 26 47.78 -13.57 -16.93
N ALA B 27 47.64 -12.70 -17.92
CA ALA B 27 47.28 -11.31 -17.68
C ALA B 27 46.40 -10.78 -18.81
N VAL B 28 45.77 -9.64 -18.59
CA VAL B 28 45.00 -8.95 -19.62
C VAL B 28 45.92 -8.68 -20.80
N PRO B 29 45.55 -9.15 -21.99
CA PRO B 29 46.41 -8.97 -23.16
C PRO B 29 46.62 -7.50 -23.49
N THR B 30 47.81 -7.16 -24.00
CA THR B 30 48.09 -5.79 -24.40
C THR B 30 47.65 -5.59 -25.85
N GLY B 31 47.31 -4.35 -26.20
CA GLY B 31 46.92 -4.03 -27.56
C GLY B 31 45.47 -4.31 -27.92
N ILE B 32 44.59 -4.40 -26.92
CA ILE B 32 43.16 -4.54 -27.18
C ILE B 32 42.67 -3.28 -27.89
N PRO B 33 41.96 -3.45 -29.01
CA PRO B 33 41.45 -2.30 -29.79
C PRO B 33 40.63 -1.33 -28.93
N ALA B 34 40.92 -0.05 -29.04
CA ALA B 34 40.28 0.97 -28.21
C ALA B 34 38.82 1.18 -28.57
N SER B 35 38.42 0.69 -29.75
CA SER B 35 37.03 0.80 -30.19
C SER B 35 36.13 -0.32 -29.66
N SER B 36 36.69 -1.23 -28.88
CA SER B 36 35.94 -2.38 -28.37
C SER B 36 34.74 -1.93 -27.56
N GLN B 37 33.60 -2.56 -27.84
CA GLN B 37 32.39 -2.34 -27.07
C GLN B 37 32.14 -3.51 -26.15
N ARG B 38 32.69 -4.66 -26.53
CA ARG B 38 32.57 -5.86 -25.72
C ARG B 38 33.93 -6.55 -25.63
N ILE B 39 34.29 -6.96 -24.42
CA ILE B 39 35.56 -7.65 -24.21
C ILE B 39 35.32 -8.92 -23.40
N PHE B 40 35.70 -10.05 -23.99
CA PHE B 40 35.50 -11.34 -23.35
C PHE B 40 36.82 -12.01 -23.03
N LEU B 41 37.16 -12.02 -21.75
CA LEU B 41 38.42 -12.61 -21.30
C LEU B 41 38.17 -13.76 -20.32
N HIS B 42 36.97 -14.33 -20.37
CA HIS B 42 36.60 -15.36 -19.42
C HIS B 42 37.38 -16.66 -19.70
N GLY B 43 37.48 -17.52 -18.69
CA GLY B 43 38.13 -18.82 -18.87
C GLY B 43 39.64 -18.79 -19.04
N ASN B 44 40.29 -17.73 -18.57
CA ASN B 44 41.76 -17.70 -18.61
C ASN B 44 42.33 -17.88 -17.20
N ARG B 45 43.57 -17.46 -17.00
CA ARG B 45 44.21 -17.55 -15.69
C ARG B 45 44.70 -16.19 -15.23
N ILE B 46 43.99 -15.14 -15.59
CA ILE B 46 44.35 -13.79 -15.15
C ILE B 46 44.19 -13.67 -13.63
N SER B 47 45.24 -13.23 -12.96
CA SER B 47 45.22 -13.14 -11.50
C SER B 47 45.18 -11.70 -10.97
N HIS B 48 45.59 -10.74 -11.80
CA HIS B 48 45.59 -9.35 -11.38
C HIS B 48 44.97 -8.47 -12.45
N VAL B 49 44.18 -7.48 -12.01
CA VAL B 49 43.68 -6.46 -12.92
C VAL B 49 44.24 -5.11 -12.44
N PRO B 50 45.30 -4.64 -13.11
CA PRO B 50 45.95 -3.39 -12.69
C PRO B 50 45.11 -2.15 -13.01
N ALA B 51 45.53 -1.01 -12.47
CA ALA B 51 44.83 0.26 -12.72
C ALA B 51 44.76 0.55 -14.22
N ALA B 52 43.61 1.06 -14.65
CA ALA B 52 43.42 1.54 -16.02
C ALA B 52 43.69 0.46 -17.06
N SER B 53 43.30 -0.77 -16.76
CA SER B 53 43.56 -1.88 -17.68
C SER B 53 42.77 -1.75 -18.98
N PHE B 54 41.66 -1.02 -18.97
CA PHE B 54 40.82 -0.88 -20.15
C PHE B 54 40.51 0.57 -20.51
N GLN B 55 41.34 1.48 -20.02
CA GLN B 55 41.05 2.92 -20.08
C GLN B 55 40.86 3.48 -21.50
N SER B 56 41.55 2.91 -22.48
CA SER B 56 41.40 3.34 -23.86
C SER B 56 40.00 3.02 -24.42
N CYS B 57 39.33 2.01 -23.87
CA CYS B 57 38.06 1.56 -24.44
C CYS B 57 36.88 2.36 -23.92
N ARG B 58 36.80 3.60 -24.35
CA ARG B 58 35.80 4.54 -23.86
C ARG B 58 34.37 4.09 -24.15
N ASN B 59 34.20 3.26 -25.18
CA ASN B 59 32.88 2.77 -25.57
C ASN B 59 32.54 1.40 -25.02
N LEU B 60 33.35 0.89 -24.11
CA LEU B 60 33.14 -0.43 -23.54
C LEU B 60 31.82 -0.52 -22.76
N THR B 61 30.97 -1.50 -23.07
CA THR B 61 29.71 -1.65 -22.35
C THR B 61 29.57 -3.02 -21.71
N ILE B 62 30.34 -3.99 -22.22
CA ILE B 62 30.31 -5.35 -21.69
C ILE B 62 31.72 -5.90 -21.44
N LEU B 63 31.98 -6.34 -20.22
CA LEU B 63 33.29 -6.84 -19.83
C LEU B 63 33.15 -8.13 -19.03
N TRP B 64 33.61 -9.24 -19.60
CA TRP B 64 33.55 -10.54 -18.92
C TRP B 64 34.93 -10.97 -18.44
N LEU B 65 35.02 -11.27 -17.15
CA LEU B 65 36.26 -11.76 -16.56
C LEU B 65 35.99 -12.98 -15.72
N HIS B 66 34.85 -13.62 -15.94
CA HIS B 66 34.51 -14.78 -15.11
C HIS B 66 35.42 -15.97 -15.38
N SER B 67 35.53 -16.84 -14.39
CA SER B 67 36.29 -18.08 -14.49
C SER B 67 37.76 -17.81 -14.80
N ASN B 68 38.38 -16.93 -14.03
CA ASN B 68 39.81 -16.70 -14.15
C ASN B 68 40.49 -17.12 -12.87
N ALA B 69 41.58 -16.45 -12.52
CA ALA B 69 42.26 -16.74 -11.27
C ALA B 69 42.44 -15.48 -10.45
N LEU B 70 41.49 -14.56 -10.57
CA LEU B 70 41.61 -13.23 -9.98
C LEU B 70 41.83 -13.29 -8.49
N ALA B 71 42.91 -12.65 -8.05
CA ALA B 71 43.24 -12.59 -6.63
C ALA B 71 43.34 -11.14 -6.16
N ARG B 72 43.49 -10.22 -7.10
CA ARG B 72 43.64 -8.80 -6.78
C ARG B 72 43.15 -7.92 -7.94
N ILE B 73 42.15 -7.11 -7.64
CA ILE B 73 41.65 -6.13 -8.59
C ILE B 73 41.97 -4.74 -8.04
N ASP B 74 42.73 -3.96 -8.80
CA ASP B 74 43.11 -2.61 -8.37
C ASP B 74 41.88 -1.72 -8.21
N ALA B 75 41.95 -0.74 -7.33
CA ALA B 75 40.83 0.17 -7.09
C ALA B 75 40.49 0.97 -8.34
N ALA B 76 41.47 1.22 -9.19
CA ALA B 76 41.26 1.99 -10.40
C ALA B 76 41.28 1.10 -11.65
N ALA B 77 41.02 -0.19 -11.46
CA ALA B 77 40.94 -1.14 -12.57
C ALA B 77 40.00 -0.70 -13.70
N PHE B 78 38.85 -0.13 -13.34
CA PHE B 78 37.84 0.17 -14.35
C PHE B 78 37.67 1.67 -14.59
N THR B 79 38.75 2.42 -14.35
CA THR B 79 38.76 3.85 -14.60
C THR B 79 38.52 4.18 -16.06
N GLY B 80 37.57 5.07 -16.31
CA GLY B 80 37.30 5.54 -17.66
C GLY B 80 36.20 4.77 -18.37
N LEU B 81 35.71 3.71 -17.74
CA LEU B 81 34.65 2.91 -18.34
C LEU B 81 33.28 3.46 -17.96
N THR B 82 33.00 4.69 -18.38
CA THR B 82 31.79 5.38 -17.93
C THR B 82 30.51 4.82 -18.55
N LEU B 83 30.65 4.10 -19.65
CA LEU B 83 29.50 3.55 -20.35
C LEU B 83 29.30 2.06 -20.08
N LEU B 84 30.11 1.51 -19.19
CA LEU B 84 30.03 0.09 -18.86
C LEU B 84 28.66 -0.28 -18.27
N GLU B 85 28.03 -1.30 -18.86
CA GLU B 85 26.69 -1.72 -18.46
C GLU B 85 26.67 -3.10 -17.80
N GLN B 86 27.62 -3.95 -18.17
CA GLN B 86 27.66 -5.30 -17.65
C GLN B 86 29.06 -5.66 -17.22
N LEU B 87 29.20 -6.09 -15.98
CA LEU B 87 30.50 -6.46 -15.46
C LEU B 87 30.39 -7.82 -14.79
N ASP B 88 31.18 -8.76 -15.27
CA ASP B 88 31.11 -10.13 -14.80
C ASP B 88 32.45 -10.56 -14.23
N LEU B 89 32.50 -10.73 -12.91
CA LEU B 89 33.72 -11.17 -12.22
C LEU B 89 33.52 -12.50 -11.53
N SER B 90 32.45 -13.21 -11.89
CA SER B 90 32.05 -14.38 -11.13
C SER B 90 33.02 -15.54 -11.30
N ASP B 91 32.86 -16.54 -10.44
CA ASP B 91 33.64 -17.77 -10.51
C ASP B 91 35.13 -17.47 -10.42
N ASN B 92 35.49 -16.54 -9.55
CA ASN B 92 36.88 -16.33 -9.18
C ASN B 92 36.98 -16.58 -7.69
N ALA B 93 36.96 -17.86 -7.33
CA ALA B 93 36.76 -18.27 -5.94
C ALA B 93 37.83 -17.74 -4.96
N GLN B 94 38.93 -17.24 -5.49
CA GLN B 94 40.02 -16.79 -4.61
C GLN B 94 40.11 -15.25 -4.53
N LEU B 95 39.12 -14.55 -5.04
CA LEU B 95 39.16 -13.10 -5.05
C LEU B 95 39.09 -12.52 -3.63
N HIS B 96 38.17 -13.03 -2.82
CA HIS B 96 38.09 -12.77 -1.37
C HIS B 96 37.63 -11.35 -1.00
N VAL B 97 38.12 -10.34 -1.69
CA VAL B 97 37.84 -8.97 -1.32
C VAL B 97 37.90 -8.05 -2.54
N VAL B 98 36.91 -7.17 -2.64
CA VAL B 98 36.90 -6.15 -3.67
C VAL B 98 37.06 -4.78 -3.00
N ASP B 99 38.09 -4.05 -3.39
CA ASP B 99 38.36 -2.73 -2.82
C ASP B 99 37.10 -1.87 -2.95
N PRO B 100 36.68 -1.25 -1.85
CA PRO B 100 35.45 -0.46 -1.81
C PRO B 100 35.31 0.64 -2.86
N THR B 101 36.37 1.07 -3.56
CA THR B 101 36.13 2.13 -4.54
C THR B 101 36.32 1.59 -5.97
N THR B 102 36.29 0.26 -6.12
CA THR B 102 36.45 -0.40 -7.42
C THR B 102 35.33 -0.05 -8.40
N PHE B 103 34.11 0.10 -7.90
CA PHE B 103 32.97 0.31 -8.80
C PHE B 103 32.51 1.77 -8.88
N HIS B 104 33.25 2.68 -8.25
CA HIS B 104 32.88 4.09 -8.28
C HIS B 104 32.96 4.65 -9.69
N GLY B 105 31.99 5.48 -10.05
CA GLY B 105 31.97 6.12 -11.35
C GLY B 105 31.28 5.30 -12.44
N LEU B 106 30.83 4.09 -12.10
CA LEU B 106 30.16 3.24 -13.08
C LEU B 106 28.64 3.49 -13.06
N GLY B 107 28.24 4.67 -13.50
CA GLY B 107 26.86 5.11 -13.39
C GLY B 107 25.91 4.52 -14.42
N HIS B 108 26.44 3.77 -15.36
CA HIS B 108 25.62 3.11 -16.37
C HIS B 108 25.53 1.61 -16.15
N LEU B 109 26.17 1.11 -15.08
CA LEU B 109 26.19 -0.33 -14.82
C LEU B 109 24.79 -0.87 -14.49
N HIS B 110 24.40 -1.95 -15.18
CA HIS B 110 23.06 -2.54 -15.04
C HIS B 110 23.08 -3.92 -14.37
N THR B 111 24.12 -4.71 -14.66
CA THR B 111 24.28 -6.02 -14.02
C THR B 111 25.70 -6.22 -13.51
N LEU B 112 25.79 -6.72 -12.28
CA LEU B 112 27.09 -6.97 -11.68
C LEU B 112 27.12 -8.38 -11.11
N HIS B 113 27.99 -9.23 -11.68
CA HIS B 113 28.10 -10.64 -11.30
C HIS B 113 29.28 -10.83 -10.36
N LEU B 114 28.98 -11.11 -9.09
CA LEU B 114 30.02 -11.37 -8.11
C LEU B 114 29.75 -12.71 -7.44
N ASP B 115 29.04 -13.61 -8.13
CA ASP B 115 28.76 -14.93 -7.57
C ASP B 115 30.01 -15.83 -7.59
N ARG B 116 30.15 -16.63 -6.53
CA ARG B 116 31.29 -17.51 -6.34
C ARG B 116 32.63 -16.78 -6.47
N CYS B 117 32.84 -15.75 -5.66
CA CYS B 117 34.13 -15.06 -5.63
C CYS B 117 34.82 -15.19 -4.28
N GLY B 118 34.29 -16.06 -3.42
CA GLY B 118 34.82 -16.20 -2.06
C GLY B 118 34.83 -14.89 -1.26
N LEU B 119 33.89 -14.00 -1.53
CA LEU B 119 33.90 -12.67 -0.88
C LEU B 119 33.72 -12.80 0.63
N ARG B 120 34.63 -12.20 1.39
CA ARG B 120 34.57 -12.25 2.85
C ARG B 120 33.68 -11.15 3.44
N GLU B 121 33.56 -10.05 2.72
CA GLU B 121 32.82 -8.90 3.23
C GLU B 121 32.41 -7.96 2.12
N LEU B 122 31.38 -7.16 2.40
CA LEU B 122 31.01 -6.03 1.57
C LEU B 122 31.42 -4.76 2.32
N GLY B 123 32.57 -4.21 1.96
CA GLY B 123 33.14 -3.08 2.67
C GLY B 123 32.37 -1.79 2.41
N PRO B 124 32.53 -0.82 3.33
CA PRO B 124 31.76 0.43 3.24
C PRO B 124 31.90 1.13 1.90
N GLY B 125 30.77 1.43 1.27
CA GLY B 125 30.79 2.16 0.02
C GLY B 125 31.00 1.32 -1.24
N LEU B 126 30.94 0.00 -1.09
CA LEU B 126 31.21 -0.87 -2.25
C LEU B 126 30.25 -0.61 -3.41
N PHE B 127 28.96 -0.43 -3.11
CA PHE B 127 27.98 -0.22 -4.17
C PHE B 127 27.46 1.22 -4.20
N ARG B 128 28.32 2.16 -3.78
CA ARG B 128 28.00 3.56 -3.78
C ARG B 128 27.80 4.10 -5.19
N GLY B 129 26.73 4.87 -5.38
CA GLY B 129 26.51 5.62 -6.62
C GLY B 129 26.06 4.78 -7.82
N LEU B 130 25.76 3.51 -7.60
CA LEU B 130 25.38 2.65 -8.72
C LEU B 130 23.88 2.74 -8.99
N ALA B 131 23.44 3.93 -9.37
CA ALA B 131 22.02 4.26 -9.44
C ALA B 131 21.26 3.55 -10.56
N ALA B 132 21.97 2.98 -11.53
CA ALA B 132 21.32 2.33 -12.66
C ALA B 132 21.30 0.81 -12.49
N LEU B 133 21.93 0.32 -11.44
CA LEU B 133 22.09 -1.12 -11.27
C LEU B 133 20.74 -1.81 -11.05
N GLN B 134 20.50 -2.91 -11.77
CA GLN B 134 19.25 -3.65 -11.71
C GLN B 134 19.42 -5.07 -11.17
N TYR B 135 20.54 -5.71 -11.51
CA TYR B 135 20.79 -7.09 -11.14
C TYR B 135 22.11 -7.19 -10.40
N LEU B 136 22.08 -7.66 -9.16
CA LEU B 136 23.28 -7.86 -8.38
C LEU B 136 23.37 -9.29 -7.85
N TYR B 137 24.39 -10.02 -8.33
CA TYR B 137 24.58 -11.42 -7.98
C TYR B 137 25.69 -11.59 -6.93
N LEU B 138 25.30 -11.98 -5.72
CA LEU B 138 26.27 -12.16 -4.65
C LEU B 138 26.16 -13.54 -4.01
N GLN B 139 25.53 -14.48 -4.71
CA GLN B 139 25.36 -15.82 -4.14
C GLN B 139 26.65 -16.62 -4.11
N ASP B 140 26.66 -17.66 -3.29
CA ASP B 140 27.78 -18.60 -3.20
C ASP B 140 29.09 -17.89 -2.86
N ASN B 141 29.06 -17.02 -1.86
CA ASN B 141 30.30 -16.44 -1.40
C ASN B 141 30.58 -16.83 0.05
N ASN B 142 31.28 -15.97 0.77
CA ASN B 142 31.66 -16.28 2.15
C ASN B 142 31.24 -15.14 3.12
N LEU B 143 30.16 -14.45 2.78
CA LEU B 143 29.71 -13.29 3.55
C LEU B 143 29.19 -13.63 4.94
N GLN B 144 29.62 -12.87 5.94
CA GLN B 144 29.24 -13.10 7.33
C GLN B 144 28.43 -11.97 7.94
N ALA B 145 27.99 -11.02 7.13
CA ALA B 145 27.33 -9.83 7.65
C ALA B 145 26.62 -9.08 6.54
N LEU B 146 25.47 -8.49 6.86
CA LEU B 146 24.81 -7.57 5.97
C LEU B 146 24.77 -6.20 6.64
N PRO B 147 25.84 -5.38 6.46
CA PRO B 147 25.87 -4.12 7.20
C PRO B 147 24.82 -3.12 6.74
N ASP B 148 24.45 -2.21 7.63
CA ASP B 148 23.47 -1.18 7.34
C ASP B 148 23.90 -0.36 6.12
N ASN B 149 22.93 -0.03 5.28
CA ASN B 149 23.11 0.87 4.13
C ASN B 149 24.02 0.35 3.01
N THR B 150 24.31 -0.94 3.04
CA THR B 150 25.11 -1.58 1.99
C THR B 150 24.52 -1.33 0.59
N PHE B 151 23.20 -1.23 0.50
CA PHE B 151 22.53 -1.13 -0.82
C PHE B 151 21.75 0.17 -0.98
N ARG B 152 22.12 1.19 -0.22
CA ARG B 152 21.33 2.40 -0.09
C ARG B 152 21.11 3.16 -1.40
N ASP B 153 22.09 3.12 -2.29
CA ASP B 153 22.00 3.91 -3.51
C ASP B 153 21.37 3.14 -4.67
N LEU B 154 21.01 1.88 -4.44
CA LEU B 154 20.54 1.04 -5.54
C LEU B 154 19.03 1.15 -5.72
N GLY B 155 18.57 2.35 -6.01
CA GLY B 155 17.17 2.64 -6.19
C GLY B 155 16.50 1.92 -7.34
N ASN B 156 17.30 1.43 -8.29
CA ASN B 156 16.75 0.74 -9.46
C ASN B 156 16.92 -0.77 -9.42
N LEU B 157 17.51 -1.29 -8.34
CA LEU B 157 17.76 -2.73 -8.26
C LEU B 157 16.45 -3.52 -8.20
N THR B 158 16.30 -4.52 -9.07
CA THR B 158 15.11 -5.37 -9.05
C THR B 158 15.42 -6.79 -8.55
N HIS B 159 16.65 -7.24 -8.77
CA HIS B 159 17.05 -8.60 -8.34
C HIS B 159 18.30 -8.57 -7.48
N LEU B 160 18.19 -9.15 -6.29
CA LEU B 160 19.32 -9.26 -5.39
C LEU B 160 19.48 -10.70 -4.90
N PHE B 161 20.61 -11.31 -5.23
CA PHE B 161 20.87 -12.70 -4.88
C PHE B 161 21.95 -12.81 -3.81
N LEU B 162 21.55 -13.24 -2.62
CA LEU B 162 22.46 -13.35 -1.48
C LEU B 162 22.48 -14.76 -0.90
N HIS B 163 21.93 -15.75 -1.61
CA HIS B 163 21.88 -17.10 -1.07
C HIS B 163 23.24 -17.78 -1.08
N GLY B 164 23.40 -18.82 -0.27
CA GLY B 164 24.65 -19.58 -0.22
C GLY B 164 25.77 -18.79 0.45
N ASN B 165 25.43 -18.06 1.50
CA ASN B 165 26.45 -17.36 2.28
C ASN B 165 26.36 -17.76 3.74
N ARG B 166 26.91 -16.96 4.65
CA ARG B 166 26.86 -17.30 6.08
C ARG B 166 26.30 -16.14 6.90
N ILE B 167 25.29 -15.47 6.36
CA ILE B 167 24.72 -14.29 7.00
C ILE B 167 23.97 -14.65 8.29
N PRO B 168 24.38 -14.08 9.43
CA PRO B 168 23.82 -14.53 10.70
C PRO B 168 22.50 -13.84 11.11
N SER B 169 22.20 -12.69 10.50
CA SER B 169 21.00 -11.92 10.84
C SER B 169 20.80 -10.77 9.86
N VAL B 170 19.62 -10.15 9.95
CA VAL B 170 19.29 -9.04 9.07
C VAL B 170 18.97 -7.81 9.91
N PRO B 171 19.91 -6.85 9.95
CA PRO B 171 19.67 -5.64 10.76
C PRO B 171 18.67 -4.68 10.10
N GLU B 172 18.30 -3.65 10.85
CA GLU B 172 17.23 -2.74 10.47
C GLU B 172 17.42 -2.08 9.12
N HIS B 173 18.64 -1.66 8.80
CA HIS B 173 18.88 -0.89 7.58
C HIS B 173 19.72 -1.63 6.53
N ALA B 174 19.78 -2.95 6.61
CA ALA B 174 20.47 -3.73 5.59
C ALA B 174 19.90 -3.46 4.19
N PHE B 175 18.57 -3.41 4.09
CA PHE B 175 17.94 -3.25 2.79
C PHE B 175 17.30 -1.88 2.57
N ARG B 176 17.79 -0.88 3.29
CA ARG B 176 17.30 0.48 3.06
C ARG B 176 17.65 0.94 1.65
N GLY B 177 16.71 1.59 0.98
CA GLY B 177 16.96 2.21 -0.31
C GLY B 177 16.48 1.39 -1.50
N LEU B 178 16.16 0.13 -1.24
CA LEU B 178 15.84 -0.84 -2.32
C LEU B 178 14.38 -0.79 -2.75
N HIS B 179 13.96 0.37 -3.22
CA HIS B 179 12.55 0.62 -3.49
C HIS B 179 11.99 -0.12 -4.70
N SER B 180 12.86 -0.54 -5.61
CA SER B 180 12.40 -1.20 -6.84
C SER B 180 12.53 -2.72 -6.76
N LEU B 181 13.05 -3.23 -5.66
CA LEU B 181 13.38 -4.66 -5.55
C LEU B 181 12.16 -5.56 -5.76
N ASP B 182 12.32 -6.57 -6.62
CA ASP B 182 11.25 -7.55 -6.92
C ASP B 182 11.55 -8.92 -6.33
N ARG B 183 12.80 -9.34 -6.41
CA ARG B 183 13.21 -10.64 -5.88
C ARG B 183 14.36 -10.49 -4.91
N LEU B 184 14.17 -11.05 -3.70
CA LEU B 184 15.22 -11.07 -2.70
C LEU B 184 15.44 -12.50 -2.25
N LEU B 185 16.62 -13.04 -2.56
CA LEU B 185 16.95 -14.43 -2.24
C LEU B 185 17.97 -14.49 -1.11
N LEU B 186 17.53 -14.98 0.04
CA LEU B 186 18.37 -15.03 1.22
C LEU B 186 18.45 -16.44 1.79
N HIS B 187 18.09 -17.45 0.99
CA HIS B 187 18.10 -18.81 1.49
C HIS B 187 19.50 -19.37 1.62
N GLN B 188 19.64 -20.45 2.39
CA GLN B 188 20.92 -21.11 2.62
C GLN B 188 21.93 -20.15 3.22
N ASN B 189 21.52 -19.49 4.29
CA ASN B 189 22.41 -18.67 5.08
C ASN B 189 22.32 -19.15 6.53
N HIS B 190 22.69 -18.30 7.47
CA HIS B 190 22.60 -18.65 8.89
C HIS B 190 21.68 -17.69 9.63
N VAL B 191 20.66 -17.19 8.96
CA VAL B 191 19.85 -16.11 9.54
C VAL B 191 19.06 -16.60 10.75
N ALA B 192 19.37 -16.04 11.91
CA ALA B 192 18.72 -16.43 13.15
C ALA B 192 17.66 -15.42 13.58
N ARG B 193 17.79 -14.19 13.10
CA ARG B 193 16.83 -13.14 13.45
C ARG B 193 16.73 -12.10 12.34
N VAL B 194 15.53 -11.56 12.16
CA VAL B 194 15.29 -10.47 11.24
C VAL B 194 14.69 -9.31 12.02
N HIS B 195 15.31 -8.14 11.95
CA HIS B 195 14.79 -6.97 12.63
C HIS B 195 13.38 -6.68 12.16
N PRO B 196 12.46 -6.39 13.10
CA PRO B 196 11.04 -6.12 12.82
C PRO B 196 10.79 -5.19 11.62
N HIS B 197 11.67 -4.21 11.43
CA HIS B 197 11.50 -3.21 10.38
C HIS B 197 12.51 -3.35 9.22
N ALA B 198 13.10 -4.53 9.09
CA ALA B 198 14.11 -4.77 8.05
C ALA B 198 13.60 -4.52 6.63
N PHE B 199 12.32 -4.77 6.40
CA PHE B 199 11.79 -4.76 5.04
C PHE B 199 10.94 -3.54 4.73
N ARG B 200 11.10 -2.49 5.53
CA ARG B 200 10.30 -1.28 5.40
C ARG B 200 10.22 -0.73 3.97
N ASP B 201 11.32 -0.76 3.23
CA ASP B 201 11.35 -0.15 1.89
C ASP B 201 10.99 -1.12 0.76
N LEU B 202 10.66 -2.36 1.12
CA LEU B 202 10.45 -3.39 0.12
C LEU B 202 8.98 -3.57 -0.28
N GLY B 203 8.28 -2.44 -0.44
CA GLY B 203 6.86 -2.44 -0.75
C GLY B 203 6.49 -3.06 -2.09
N ARG B 204 7.47 -3.15 -2.98
CA ARG B 204 7.29 -3.73 -4.29
C ARG B 204 7.80 -5.18 -4.40
N LEU B 205 8.33 -5.75 -3.34
CA LEU B 205 8.89 -7.10 -3.40
C LEU B 205 7.81 -8.15 -3.70
N MET B 206 8.11 -9.05 -4.63
CA MET B 206 7.17 -10.09 -5.04
C MET B 206 7.61 -11.47 -4.57
N THR B 207 8.91 -11.67 -4.48
CA THR B 207 9.49 -12.95 -4.07
C THR B 207 10.48 -12.81 -2.93
N LEU B 208 10.24 -13.55 -1.84
CA LEU B 208 11.17 -13.60 -0.72
C LEU B 208 11.48 -15.06 -0.35
N TYR B 209 12.74 -15.46 -0.50
CA TYR B 209 13.19 -16.78 -0.07
C TYR B 209 14.03 -16.70 1.19
N LEU B 210 13.59 -17.38 2.24
CA LEU B 210 14.31 -17.39 3.50
C LEU B 210 14.50 -18.83 3.98
N PHE B 211 14.27 -19.80 3.09
CA PHE B 211 14.35 -21.19 3.51
C PHE B 211 15.80 -21.59 3.78
N ALA B 212 15.99 -22.66 4.55
CA ALA B 212 17.30 -23.16 4.92
C ALA B 212 18.12 -22.08 5.64
N ASN B 213 17.55 -21.59 6.74
CA ASN B 213 18.26 -20.67 7.61
C ASN B 213 18.15 -21.17 9.03
N ASN B 214 18.14 -20.25 9.99
CA ASN B 214 18.19 -20.63 11.40
C ASN B 214 17.10 -19.91 12.19
N LEU B 215 15.98 -19.63 11.53
CA LEU B 215 14.88 -18.90 12.16
C LEU B 215 14.04 -19.79 13.06
N SER B 216 13.91 -19.39 14.32
CA SER B 216 12.99 -20.08 15.22
C SER B 216 11.66 -19.34 15.33
N MET B 217 11.67 -18.07 14.90
CA MET B 217 10.50 -17.21 15.00
C MET B 217 10.67 -15.95 14.16
N LEU B 218 9.55 -15.31 13.88
CA LEU B 218 9.53 -14.09 13.07
C LEU B 218 8.39 -13.21 13.56
N PRO B 219 8.71 -11.97 13.99
CA PRO B 219 7.63 -11.06 14.36
C PRO B 219 6.77 -10.74 13.14
N ALA B 220 5.47 -10.54 13.33
CA ALA B 220 4.58 -10.24 12.21
C ALA B 220 5.01 -8.97 11.48
N GLU B 221 5.55 -8.01 12.23
CA GLU B 221 6.00 -6.73 11.69
C GLU B 221 7.01 -6.89 10.56
N VAL B 222 7.77 -7.97 10.59
CA VAL B 222 8.77 -8.22 9.55
C VAL B 222 8.10 -8.28 8.18
N LEU B 223 6.98 -8.98 8.09
CA LEU B 223 6.35 -9.22 6.79
C LEU B 223 5.31 -8.17 6.40
N MET B 224 4.79 -7.42 7.37
CA MET B 224 3.73 -6.45 7.10
C MET B 224 4.00 -5.38 6.02
N PRO B 225 5.25 -4.91 5.86
CA PRO B 225 5.49 -3.95 4.77
C PRO B 225 5.42 -4.57 3.37
N LEU B 226 5.45 -5.89 3.30
CA LEU B 226 5.55 -6.59 2.02
C LEU B 226 4.19 -6.69 1.34
N ARG B 227 3.65 -5.54 0.96
CA ARG B 227 2.34 -5.43 0.37
C ARG B 227 2.16 -6.13 -0.98
N SER B 228 3.24 -6.28 -1.72
CA SER B 228 3.19 -6.84 -3.07
C SER B 228 3.58 -8.30 -3.15
N LEU B 229 3.87 -8.94 -2.02
CA LEU B 229 4.47 -10.27 -2.03
C LEU B 229 3.55 -11.31 -2.67
N GLN B 230 4.13 -12.19 -3.48
CA GLN B 230 3.36 -13.25 -4.13
C GLN B 230 3.96 -14.63 -3.84
N TYR B 231 5.25 -14.66 -3.55
CA TYR B 231 5.93 -15.92 -3.27
C TYR B 231 6.81 -15.83 -2.03
N LEU B 232 6.59 -16.77 -1.11
CA LEU B 232 7.29 -16.75 0.16
C LEU B 232 7.77 -18.14 0.56
N ARG B 233 9.07 -18.27 0.81
CA ARG B 233 9.60 -19.57 1.25
C ARG B 233 10.24 -19.46 2.63
N LEU B 234 9.81 -20.36 3.51
CA LEU B 234 10.16 -20.34 4.93
C LEU B 234 10.51 -21.73 5.44
N ASN B 235 10.51 -22.71 4.55
CA ASN B 235 10.78 -24.09 4.96
C ASN B 235 12.22 -24.28 5.39
N ASP B 236 12.52 -25.42 6.00
CA ASP B 236 13.86 -25.72 6.52
C ASP B 236 14.36 -24.61 7.47
N ASN B 237 13.56 -24.35 8.49
CA ASN B 237 13.94 -23.49 9.60
C ASN B 237 13.42 -24.16 10.86
N PRO B 238 14.13 -24.02 11.98
CA PRO B 238 13.72 -24.65 13.25
C PRO B 238 12.59 -23.90 13.95
N TRP B 239 11.49 -23.70 13.25
CA TRP B 239 10.33 -22.95 13.76
C TRP B 239 9.79 -23.51 15.07
N VAL B 240 9.61 -22.63 16.05
CA VAL B 240 8.97 -23.04 17.30
C VAL B 240 7.49 -22.66 17.27
N CYS B 241 6.64 -23.69 17.19
CA CYS B 241 5.21 -23.48 17.06
C CYS B 241 4.49 -23.47 18.41
N ASP B 242 4.74 -22.42 19.20
CA ASP B 242 3.99 -22.18 20.43
C ASP B 242 3.41 -20.76 20.37
N CYS B 243 3.17 -20.14 21.52
CA CYS B 243 2.51 -18.82 21.54
C CYS B 243 3.29 -17.76 20.76
N ARG B 244 4.60 -17.92 20.66
CA ARG B 244 5.45 -16.93 19.99
C ARG B 244 5.18 -16.87 18.49
N ALA B 245 4.56 -17.92 17.94
CA ALA B 245 4.31 -18.01 16.51
C ALA B 245 2.93 -17.50 16.10
N ARG B 246 2.14 -17.04 17.06
CA ARG B 246 0.77 -16.61 16.78
C ARG B 246 0.69 -15.41 15.82
N PRO B 247 1.55 -14.40 15.97
CA PRO B 247 1.51 -13.34 14.95
C PRO B 247 1.80 -13.83 13.52
N LEU B 248 2.84 -14.62 13.34
CA LEU B 248 3.17 -15.14 12.01
C LEU B 248 2.01 -16.01 11.50
N TRP B 249 1.48 -16.86 12.38
CA TRP B 249 0.32 -17.68 12.04
C TRP B 249 -0.81 -16.82 11.46
N ALA B 250 -1.13 -15.74 12.16
CA ALA B 250 -2.25 -14.87 11.77
C ALA B 250 -2.00 -14.18 10.43
N TRP B 251 -0.77 -13.73 10.20
CA TRP B 251 -0.41 -13.10 8.94
C TRP B 251 -0.55 -14.09 7.78
N LEU B 252 -0.19 -15.35 8.03
CA LEU B 252 -0.23 -16.37 7.01
C LEU B 252 -1.67 -16.80 6.68
N GLN B 253 -2.59 -16.59 7.61
CA GLN B 253 -3.99 -16.91 7.37
C GLN B 253 -4.62 -15.94 6.37
N LYS B 254 -4.02 -14.76 6.22
CA LYS B 254 -4.61 -13.71 5.38
C LYS B 254 -3.76 -13.46 4.14
N PHE B 255 -2.60 -14.10 4.07
CA PHE B 255 -1.73 -14.00 2.91
C PHE B 255 -2.41 -14.65 1.71
N ARG B 256 -2.55 -13.91 0.63
CA ARG B 256 -3.28 -14.38 -0.53
C ARG B 256 -2.36 -14.95 -1.60
N GLY B 257 -1.06 -14.91 -1.34
CA GLY B 257 -0.07 -15.39 -2.28
C GLY B 257 0.25 -16.86 -2.10
N SER B 258 1.45 -17.27 -2.51
CA SER B 258 1.86 -18.66 -2.37
C SER B 258 3.01 -18.81 -1.38
N SER B 259 2.80 -19.64 -0.38
CA SER B 259 3.81 -19.88 0.62
C SER B 259 4.23 -21.34 0.68
N SER B 260 5.45 -21.56 1.15
CA SER B 260 5.99 -22.87 1.43
C SER B 260 5.37 -23.45 2.69
N GLU B 261 5.70 -24.70 2.98
CA GLU B 261 5.43 -25.26 4.30
C GLU B 261 6.22 -24.43 5.30
N VAL B 262 5.68 -24.28 6.51
CA VAL B 262 6.41 -23.64 7.61
C VAL B 262 6.51 -24.68 8.72
N PRO B 263 7.50 -25.58 8.60
CA PRO B 263 7.46 -26.81 9.40
C PRO B 263 7.86 -26.61 10.85
N CYS B 264 7.00 -27.07 11.76
CA CYS B 264 7.28 -27.00 13.18
C CYS B 264 8.43 -27.93 13.58
N ASN B 265 9.42 -27.38 14.28
CA ASN B 265 10.50 -28.17 14.84
C ASN B 265 10.16 -28.58 16.28
N LEU B 266 9.48 -27.68 16.97
CA LEU B 266 9.07 -27.88 18.35
C LEU B 266 7.66 -27.32 18.49
N PRO B 267 6.86 -27.86 19.43
CA PRO B 267 7.12 -29.01 20.29
C PRO B 267 7.01 -30.33 19.53
N GLN B 268 7.46 -31.41 20.15
CA GLN B 268 7.47 -32.74 19.54
C GLN B 268 6.18 -33.13 18.84
N ARG B 269 5.04 -32.93 19.49
CA ARG B 269 3.76 -33.37 18.97
C ARG B 269 3.38 -32.69 17.66
N LEU B 270 4.06 -31.61 17.32
CA LEU B 270 3.72 -30.85 16.12
C LEU B 270 4.80 -30.94 15.05
N ALA B 271 5.79 -31.81 15.30
CA ALA B 271 6.95 -31.95 14.42
C ALA B 271 6.56 -32.13 12.96
N ASP B 272 7.09 -31.25 12.12
CA ASP B 272 6.91 -31.32 10.66
C ASP B 272 5.47 -31.10 10.20
N ARG B 273 4.59 -30.73 11.12
CA ARG B 273 3.29 -30.20 10.73
C ARG B 273 3.53 -28.77 10.23
N ASP B 274 2.61 -28.26 9.42
CA ASP B 274 2.73 -26.94 8.83
C ASP B 274 2.05 -25.87 9.71
N LEU B 275 2.83 -24.94 10.25
CA LEU B 275 2.27 -23.88 11.10
C LEU B 275 1.04 -23.23 10.48
N LYS B 276 1.17 -22.91 9.20
CA LYS B 276 0.09 -22.41 8.36
C LYS B 276 -1.22 -23.19 8.50
N ARG B 277 -1.10 -24.50 8.71
CA ARG B 277 -2.26 -25.39 8.65
C ARG B 277 -2.77 -25.76 10.02
N LEU B 278 -2.21 -25.12 11.05
CA LEU B 278 -2.58 -25.43 12.43
C LEU B 278 -3.78 -24.59 12.85
N ALA B 279 -4.50 -25.06 13.87
CA ALA B 279 -5.56 -24.28 14.49
C ALA B 279 -4.93 -23.38 15.57
N ALA B 280 -5.57 -22.25 15.87
CA ALA B 280 -5.03 -21.32 16.86
C ALA B 280 -4.83 -22.01 18.22
N SER B 281 -5.76 -22.90 18.57
CA SER B 281 -5.68 -23.65 19.83
C SER B 281 -4.38 -24.45 19.99
N ASP B 282 -3.78 -24.88 18.88
CA ASP B 282 -2.50 -25.58 18.94
C ASP B 282 -1.37 -24.69 19.43
N LEU B 283 -1.56 -23.38 19.33
CA LEU B 283 -0.49 -22.42 19.59
C LEU B 283 -0.42 -21.89 21.02
N GLU B 284 -1.43 -22.17 21.84
CA GLU B 284 -1.38 -21.62 23.20
C GLU B 284 -0.33 -22.33 24.06
N GLY B 285 0.30 -21.58 24.96
CA GLY B 285 1.31 -22.13 25.84
C GLY B 285 2.72 -21.92 25.33
N CYS B 286 3.71 -22.31 26.13
CA CYS B 286 5.11 -22.14 25.77
C CYS B 286 5.77 -23.50 25.52
N ALA B 287 6.80 -23.53 24.68
CA ALA B 287 7.46 -24.78 24.32
C ALA B 287 8.70 -25.07 25.17
N VAL B 288 9.78 -24.35 24.90
CA VAL B 288 11.03 -24.53 25.63
C VAL B 288 10.93 -24.14 27.10
N LEU B 309 13.90 -15.28 25.61
CA LEU B 309 12.51 -15.71 25.60
C LEU B 309 11.57 -14.60 25.14
N PRO B 310 10.59 -14.95 24.30
CA PRO B 310 9.56 -14.00 23.83
C PRO B 310 8.65 -13.55 24.96
N LYS B 311 7.88 -12.47 24.72
CA LYS B 311 7.03 -11.87 25.73
C LYS B 311 5.98 -12.83 26.30
N CYS B 312 5.44 -13.69 25.44
CA CYS B 312 4.39 -14.63 25.86
C CYS B 312 4.97 -15.75 26.72
N CYS B 313 6.28 -15.90 26.67
CA CYS B 313 6.96 -16.90 27.50
C CYS B 313 7.41 -16.28 28.82
N GLN B 314 6.95 -15.06 29.07
CA GLN B 314 7.26 -14.36 30.32
C GLN B 314 6.01 -14.29 31.20
N PRO B 315 6.21 -14.36 32.53
CA PRO B 315 5.10 -14.24 33.48
C PRO B 315 4.51 -12.82 33.52
C1 NAG C . -26.74 17.31 -27.83
C2 NAG C . -27.10 16.48 -29.06
C3 NAG C . -26.57 17.16 -30.32
C4 NAG C . -27.07 18.58 -30.40
C5 NAG C . -26.75 19.35 -29.11
C6 NAG C . -27.39 20.71 -29.07
C7 NAG C . -27.33 14.04 -29.15
C8 NAG C . -26.64 12.73 -28.99
N2 NAG C . -26.58 15.13 -28.95
O3 NAG C . -26.99 16.43 -31.47
O4 NAG C . -26.47 19.26 -31.51
O5 NAG C . -27.25 18.63 -27.98
O6 NAG C . -28.80 20.59 -28.96
O7 NAG C . -28.52 14.12 -29.44
C1 NAG D . -17.66 25.06 -7.13
C2 NAG D . -17.26 24.93 -8.61
C3 NAG D . -16.92 26.30 -9.19
C4 NAG D . -18.05 27.29 -8.93
C5 NAG D . -18.39 27.33 -7.44
C6 NAG D . -19.57 28.21 -7.13
C7 NAG D . -16.05 23.06 -9.66
C8 NAG D . -14.80 22.25 -9.66
N2 NAG D . -16.13 24.03 -8.74
O3 NAG D . -16.71 26.19 -10.59
O4 NAG D . -17.66 28.60 -9.35
O5 NAG D . -18.73 26.01 -7.01
O6 NAG D . -20.33 27.71 -6.03
O7 NAG D . -16.96 22.86 -10.47
C1 NAG E . -19.29 1.05 22.89
C2 NAG E . -19.95 -0.28 22.46
C3 NAG E . -19.63 -1.39 23.46
C4 NAG E . -18.13 -1.48 23.70
C5 NAG E . -17.59 -0.12 24.12
C6 NAG E . -16.10 -0.10 24.30
C7 NAG E . -22.06 -0.37 21.19
C8 NAG E . -23.54 -0.16 21.25
N2 NAG E . -21.39 -0.12 22.33
O3 NAG E . -20.12 -2.63 22.96
O4 NAG E . -17.86 -2.43 24.73
O5 NAG E . -17.90 0.84 23.10
O6 NAG E . -15.66 1.10 24.92
O7 NAG E . -21.49 -0.75 20.17
C1 GOL F . -31.36 21.26 16.15
O1 GOL F . -30.42 20.88 15.16
C2 GOL F . -30.80 20.96 17.53
O2 GOL F . -29.67 21.74 17.78
C3 GOL F . -31.86 21.27 18.57
O3 GOL F . -31.35 21.00 19.86
C1 NAG G . 33.36 5.45 -29.61
C2 NAG G . 34.67 5.65 -30.34
C3 NAG G . 34.65 6.98 -31.09
C4 NAG G . 33.42 7.09 -31.98
C5 NAG G . 32.15 6.76 -31.21
C6 NAG G . 30.95 6.60 -32.11
C7 NAG G . 36.87 4.82 -29.65
C8 NAG G . 37.94 4.88 -28.60
N2 NAG G . 35.79 5.60 -29.43
O3 NAG G . 35.83 7.08 -31.89
O4 NAG G . 33.31 8.41 -32.50
O5 NAG G . 32.28 5.51 -30.52
O6 NAG G . 31.00 5.36 -32.80
O7 NAG G . 36.96 4.11 -30.64
C1 NAG H . 16.42 4.13 -13.03
C2 NAG H . 17.25 4.99 -14.00
C3 NAG H . 16.38 6.05 -14.66
C4 NAG H . 15.15 5.41 -15.29
C5 NAG H . 14.41 4.56 -14.26
C6 NAG H . 13.23 3.82 -14.84
C7 NAG H . 19.63 5.60 -13.81
C8 NAG H . 20.67 6.29 -12.99
N2 NAG H . 18.38 5.61 -13.31
O3 NAG H . 17.13 6.72 -15.67
O4 NAG H . 14.27 6.43 -15.78
O5 NAG H . 15.31 3.58 -13.73
O6 NAG H . 13.38 2.41 -14.67
O7 NAG H . 19.89 5.03 -14.87
C1 NAG I . 21.28 -20.99 15.26
C2 NAG I . 22.59 -20.31 15.66
C3 NAG I . 23.11 -20.89 16.98
C4 NAG I . 22.02 -20.82 18.05
C5 NAG I . 20.73 -21.47 17.54
C6 NAG I . 19.58 -21.32 18.50
C7 NAG I . 24.09 -21.57 14.14
C8 NAG I . 25.12 -21.44 13.05
N2 NAG I . 23.59 -20.42 14.61
O3 NAG I . 24.24 -20.15 17.40
O4 NAG I . 22.45 -21.51 19.22
O5 NAG I . 20.33 -20.84 16.31
O6 NAG I . 18.57 -22.31 18.28
O7 NAG I . 23.73 -22.67 14.57
NA NA J . 50.04 -9.87 -6.06
C1 GOL K . 31.21 -14.02 -28.44
O1 GOL K . 32.32 -14.20 -29.29
C2 GOL K . 31.35 -14.90 -27.21
O2 GOL K . 32.66 -14.82 -26.70
C3 GOL K . 30.36 -14.43 -26.14
O3 GOL K . 30.39 -15.34 -25.07
C1 GOL L . 25.07 -10.94 -23.46
O1 GOL L . 24.35 -9.72 -23.51
C2 GOL L . 25.75 -11.19 -24.82
O2 GOL L . 26.97 -10.49 -24.88
C3 GOL L . 26.00 -12.68 -24.99
O3 GOL L . 26.75 -12.92 -26.16
C1 GOL M . 7.02 -22.36 -3.52
O1 GOL M . 6.42 -22.90 -2.36
C2 GOL M . 6.56 -20.93 -3.72
O2 GOL M . 6.14 -20.39 -2.49
C3 GOL M . 7.70 -20.09 -4.28
O3 GOL M . 8.00 -20.53 -5.60
#